data_2GNX
#
_entry.id   2GNX
#
_cell.length_a   82.687
_cell.length_b   198.962
_cell.length_c   67.076
_cell.angle_alpha   90.00
_cell.angle_beta   90.00
_cell.angle_gamma   90.00
#
_symmetry.space_group_name_H-M   'C 2 2 21'
#
loop_
_entity.id
_entity.type
_entity.pdbx_description
1 polymer 'hypothetical protein'
2 water water
#
_entity_poly.entity_id   1
_entity_poly.type   'polypeptide(L)'
_entity_poly.pdbx_seq_one_letter_code
;(UNK)(UNK)(UNK)(UNK)(UNK)(UNK)(UNK)(UNK)(UNK)(UNK)(UNK)(UNK)(UNK)(UNK)(UNK)(UNK)
(UNK)(UNK)(UNK)(UNK)(UNK)PHLSEQLCFFVQAR(MSE)EIADFYEK(MSE)YALSTQKFINTEELVSTLDTILR
KYSSRFHHPILSPLESSFQLEVGVLSHLLKAQAQISEWKFLPSLVTLHNAHTKLQSWGQTFEKQRETKKHLFGGQSQKAV
QPPHLFLWL(MSE)KLKT(MSE)LLAKFSFYFHEALSRQTTASE(MSE)KALTAKANPDLFGKISSFIRKYDAANVSLIF
DNRGSESFQGHGYHHPHSYREAPKGVDQYPAVVSLPSDRPV(MSE)HWPNVI(MSE)I(MSE)TDRASDLNSLEKVVHFY
DDKVQSTYFLTRPEPHFTIVVIFESKKSERDSHFISFLNELSLALKNPKVFASLKPGSKG
;
_entity_poly.pdbx_strand_id   A
#
# COMPACT_ATOMS: atom_id res chain seq x y z
N UNK A 1 14.62 -15.37 8.55
CA UNK A 1 13.68 -14.46 9.26
C UNK A 1 13.93 -14.48 10.76
N UNK A 2 14.76 -13.56 11.23
CA UNK A 2 15.09 -13.46 12.65
C UNK A 2 13.92 -12.92 13.46
N UNK A 3 12.72 -13.01 12.90
CA UNK A 3 11.51 -12.55 13.56
C UNK A 3 10.96 -13.62 14.50
N UNK A 4 9.84 -14.21 14.10
CA UNK A 4 9.21 -15.26 14.92
C UNK A 4 8.21 -16.13 14.13
N UNK A 5 7.34 -15.49 13.35
CA UNK A 5 6.34 -16.22 12.59
C UNK A 5 6.98 -17.08 11.50
N UNK A 6 8.25 -16.83 11.26
CA UNK A 6 9.00 -17.56 10.25
C UNK A 6 10.09 -18.38 10.93
N UNK A 7 10.40 -18.02 12.18
CA UNK A 7 11.40 -18.71 12.97
C UNK A 7 10.81 -19.95 13.60
N UNK A 8 9.65 -19.80 14.24
CA UNK A 8 8.97 -20.93 14.87
C UNK A 8 8.59 -21.94 13.79
N UNK A 9 8.19 -21.44 12.63
CA UNK A 9 7.81 -22.31 11.52
C UNK A 9 9.07 -23.02 11.03
N UNK A 10 10.22 -22.47 11.44
CA UNK A 10 11.52 -23.00 11.08
C UNK A 10 12.14 -23.65 12.32
N UNK A 11 11.36 -23.74 13.39
CA UNK A 11 11.79 -24.36 14.64
C UNK A 11 11.16 -25.75 14.70
N UNK A 12 9.88 -25.81 14.35
CA UNK A 12 9.15 -27.06 14.36
C UNK A 12 9.86 -28.08 13.47
N UNK A 13 10.02 -27.74 12.19
CA UNK A 13 10.69 -28.63 11.24
C UNK A 13 12.14 -28.86 11.67
N UNK A 14 12.63 -28.02 12.57
CA UNK A 14 13.98 -28.15 13.07
C UNK A 14 13.96 -29.28 14.10
N UNK A 15 12.76 -29.63 14.53
CA UNK A 15 12.55 -30.70 15.51
C UNK A 15 11.69 -31.80 14.88
N UNK A 16 11.22 -31.55 13.65
CA UNK A 16 10.40 -32.50 12.93
C UNK A 16 11.29 -33.28 11.96
N UNK A 17 12.47 -32.75 11.72
CA UNK A 17 13.44 -33.38 10.84
C UNK A 17 14.19 -34.44 11.64
N UNK A 18 14.24 -34.22 12.96
CA UNK A 18 14.89 -35.15 13.87
C UNK A 18 13.96 -36.34 14.11
N UNK A 19 12.78 -36.29 13.49
CA UNK A 19 11.79 -37.34 13.62
C UNK A 19 11.93 -38.36 12.49
N UNK A 20 12.04 -37.88 11.26
CA UNK A 20 12.17 -38.75 10.10
C UNK A 20 13.52 -39.47 10.11
N UNK A 21 14.26 -39.31 11.20
CA UNK A 21 15.56 -39.95 11.36
C UNK A 21 15.51 -41.01 12.46
N PRO A 22 9.76 -43.44 12.58
CA PRO A 22 10.69 -43.04 11.50
C PRO A 22 10.31 -43.72 10.18
N HIS A 23 11.26 -43.73 9.25
CA HIS A 23 11.11 -44.35 7.93
C HIS A 23 11.97 -43.64 6.90
N LEU A 24 11.39 -43.35 5.73
CA LEU A 24 12.12 -42.68 4.67
C LEU A 24 11.23 -42.23 3.53
N SER A 25 11.55 -42.70 2.31
CA SER A 25 10.82 -42.41 1.08
C SER A 25 10.83 -40.95 0.59
N GLU A 26 10.63 -39.99 1.49
CA GLU A 26 10.61 -38.59 1.07
C GLU A 26 11.70 -37.69 1.65
N GLN A 27 12.91 -38.23 1.77
CA GLN A 27 14.03 -37.44 2.30
C GLN A 27 14.27 -36.29 1.30
N LEU A 28 14.22 -36.62 0.01
CA LEU A 28 14.42 -35.65 -1.04
C LEU A 28 13.34 -34.59 -0.93
N CYS A 29 13.72 -33.40 -0.46
CA CYS A 29 12.76 -32.33 -0.28
C CYS A 29 13.36 -30.93 -0.44
N PHE A 30 13.14 -30.33 -1.60
CA PHE A 30 13.64 -28.99 -1.87
C PHE A 30 12.83 -27.95 -1.11
N PHE A 31 12.13 -28.40 -0.06
CA PHE A 31 11.29 -27.53 0.74
C PHE A 31 12.14 -26.57 1.55
N VAL A 32 12.95 -27.11 2.45
CA VAL A 32 13.80 -26.27 3.27
C VAL A 32 14.75 -25.50 2.35
N GLN A 33 14.91 -26.01 1.13
CA GLN A 33 15.76 -25.36 0.14
C GLN A 33 15.02 -24.11 -0.32
N ALA A 34 13.76 -24.31 -0.69
CA ALA A 34 12.91 -23.23 -1.14
C ALA A 34 12.70 -22.27 0.02
N ARG A 35 12.56 -22.82 1.22
CA ARG A 35 12.36 -22.03 2.43
C ARG A 35 13.53 -21.07 2.65
N MSE A 36 14.75 -21.58 2.54
CA MSE A 36 15.95 -20.77 2.73
C MSE A 36 16.00 -19.52 1.87
O MSE A 36 16.51 -18.48 2.28
CB MSE A 36 17.21 -21.61 2.48
CG MSE A 36 17.46 -22.70 3.50
SE MSE A 36 19.19 -23.56 3.27
CE MSE A 36 18.67 -24.94 2.00
N GLU A 37 15.47 -19.62 0.65
CA GLU A 37 15.47 -18.51 -0.27
C GLU A 37 14.44 -17.42 0.05
N ILE A 38 13.20 -17.82 0.31
CA ILE A 38 12.16 -16.84 0.61
C ILE A 38 12.43 -16.07 1.90
N ALA A 39 13.13 -16.68 2.84
CA ALA A 39 13.45 -16.00 4.10
C ALA A 39 14.51 -14.95 3.83
N ASP A 40 15.29 -15.20 2.78
CA ASP A 40 16.34 -14.28 2.37
C ASP A 40 15.66 -13.16 1.60
N PHE A 41 14.46 -13.46 1.12
CA PHE A 41 13.63 -12.52 0.38
C PHE A 41 13.03 -11.56 1.41
N TYR A 42 12.54 -12.13 2.50
CA TYR A 42 11.95 -11.34 3.58
C TYR A 42 12.99 -10.45 4.24
N GLU A 43 14.22 -10.94 4.33
CA GLU A 43 15.28 -10.13 4.95
C GLU A 43 15.59 -8.94 4.05
N LYS A 44 15.48 -9.18 2.74
CA LYS A 44 15.72 -8.16 1.74
C LYS A 44 14.62 -7.07 1.84
N MSE A 45 13.36 -7.49 1.96
CA MSE A 45 12.26 -6.54 2.06
C MSE A 45 12.38 -5.69 3.32
O MSE A 45 12.07 -4.50 3.30
CB MSE A 45 10.90 -7.24 2.04
CG MSE A 45 10.50 -7.79 0.68
SE MSE A 45 8.72 -8.54 0.66
CE MSE A 45 8.69 -9.18 2.46
N TYR A 46 12.82 -6.30 4.42
CA TYR A 46 12.97 -5.56 5.67
C TYR A 46 14.09 -4.53 5.55
N ALA A 47 15.07 -4.82 4.71
CA ALA A 47 16.19 -3.90 4.52
C ALA A 47 15.71 -2.72 3.70
N LEU A 48 14.83 -2.97 2.75
CA LEU A 48 14.29 -1.91 1.91
C LEU A 48 13.23 -1.06 2.62
N SER A 49 13.00 -1.31 3.91
CA SER A 49 12.00 -0.54 4.66
C SER A 49 12.51 0.83 5.04
N THR A 50 13.79 1.09 4.77
CA THR A 50 14.39 2.39 5.10
C THR A 50 14.44 3.31 3.89
N GLN A 51 14.15 2.78 2.70
CA GLN A 51 14.18 3.57 1.47
C GLN A 51 12.96 4.48 1.37
N LYS A 52 13.08 5.55 0.57
CA LYS A 52 11.97 6.49 0.37
C LYS A 52 10.80 5.78 -0.28
N PHE A 53 11.08 5.04 -1.34
CA PHE A 53 10.04 4.28 -2.04
C PHE A 53 10.59 2.87 -2.28
N ILE A 54 9.86 2.07 -3.06
CA ILE A 54 10.28 0.70 -3.33
C ILE A 54 9.91 0.26 -4.73
N ASN A 55 10.88 -0.28 -5.46
CA ASN A 55 10.63 -0.76 -6.82
C ASN A 55 10.04 -2.16 -6.70
N THR A 56 8.73 -2.22 -6.50
CA THR A 56 8.04 -3.49 -6.35
C THR A 56 8.25 -4.35 -7.59
N GLU A 57 8.19 -3.70 -8.74
CA GLU A 57 8.37 -4.37 -10.02
C GLU A 57 9.53 -5.36 -9.98
N GLU A 58 10.70 -4.88 -9.55
CA GLU A 58 11.89 -5.71 -9.47
C GLU A 58 11.71 -6.84 -8.44
N LEU A 59 10.94 -6.57 -7.39
CA LEU A 59 10.70 -7.56 -6.35
C LEU A 59 9.76 -8.66 -6.81
N VAL A 60 8.87 -8.33 -7.75
CA VAL A 60 7.92 -9.30 -8.28
C VAL A 60 8.64 -10.32 -9.17
N SER A 61 9.45 -9.82 -10.10
CA SER A 61 10.20 -10.68 -11.00
C SER A 61 11.28 -11.48 -10.28
N THR A 62 11.70 -10.99 -9.12
CA THR A 62 12.73 -11.65 -8.31
C THR A 62 12.13 -12.77 -7.47
N LEU A 63 10.82 -12.74 -7.28
CA LEU A 63 10.14 -13.76 -6.49
C LEU A 63 9.59 -14.87 -7.37
N ASP A 64 9.19 -14.53 -8.59
CA ASP A 64 8.64 -15.50 -9.52
C ASP A 64 9.75 -16.33 -10.16
N THR A 65 11.00 -16.01 -9.82
CA THR A 65 12.15 -16.74 -10.36
C THR A 65 12.62 -17.79 -9.35
N ILE A 66 12.47 -17.49 -8.07
CA ILE A 66 12.86 -18.43 -7.01
C ILE A 66 11.67 -19.32 -6.72
N LEU A 67 10.54 -19.01 -7.36
CA LEU A 67 9.33 -19.76 -7.17
C LEU A 67 9.24 -20.84 -8.24
N ARG A 68 9.28 -20.41 -9.50
CA ARG A 68 9.19 -21.34 -10.62
C ARG A 68 10.33 -22.35 -10.50
N LYS A 69 11.32 -22.01 -9.67
CA LYS A 69 12.46 -22.89 -9.44
C LYS A 69 12.10 -23.99 -8.45
N TYR A 70 10.82 -24.04 -8.04
CA TYR A 70 10.38 -25.05 -7.08
C TYR A 70 8.98 -25.57 -7.36
N SER A 71 8.60 -25.63 -8.63
CA SER A 71 7.28 -26.13 -8.98
C SER A 71 7.37 -27.53 -9.60
N PRO A 81 -0.50 -30.17 3.04
CA PRO A 81 -0.27 -29.41 4.30
C PRO A 81 0.85 -28.38 4.17
N LEU A 82 2.07 -28.76 4.55
CA LEU A 82 3.21 -27.84 4.47
C LEU A 82 3.43 -27.34 3.06
N GLU A 83 2.76 -27.95 2.09
CA GLU A 83 2.88 -27.53 0.70
C GLU A 83 1.75 -26.56 0.40
N SER A 84 0.56 -26.85 0.94
CA SER A 84 -0.61 -26.00 0.73
C SER A 84 -0.37 -24.66 1.40
N SER A 85 0.19 -24.69 2.60
CA SER A 85 0.50 -23.49 3.35
C SER A 85 1.49 -22.65 2.52
N PHE A 86 2.61 -23.29 2.18
CA PHE A 86 3.66 -22.66 1.38
C PHE A 86 3.07 -21.92 0.18
N GLN A 87 2.23 -22.62 -0.57
CA GLN A 87 1.59 -22.08 -1.77
C GLN A 87 0.74 -20.85 -1.47
N LEU A 88 0.15 -20.81 -0.29
CA LEU A 88 -0.68 -19.69 0.12
C LEU A 88 0.23 -18.49 0.34
N GLU A 89 1.10 -18.61 1.35
CA GLU A 89 2.05 -17.56 1.69
C GLU A 89 2.72 -16.97 0.44
N VAL A 90 3.51 -17.80 -0.22
CA VAL A 90 4.22 -17.41 -1.42
C VAL A 90 3.26 -16.91 -2.51
N GLY A 91 2.10 -17.54 -2.64
CA GLY A 91 1.14 -17.11 -3.65
C GLY A 91 0.58 -15.72 -3.34
N VAL A 92 0.25 -15.49 -2.07
CA VAL A 92 -0.30 -14.22 -1.63
C VAL A 92 0.77 -13.14 -1.61
N LEU A 93 1.97 -13.50 -1.18
CA LEU A 93 3.05 -12.52 -1.14
C LEU A 93 3.25 -12.01 -2.56
N SER A 94 3.22 -12.94 -3.51
CA SER A 94 3.41 -12.64 -4.90
C SER A 94 2.30 -11.70 -5.39
N HIS A 95 1.05 -12.06 -5.13
CA HIS A 95 -0.08 -11.24 -5.54
C HIS A 95 -0.01 -9.84 -4.96
N LEU A 96 0.22 -9.75 -3.66
CA LEU A 96 0.31 -8.47 -2.99
C LEU A 96 1.39 -7.58 -3.61
N LEU A 97 2.55 -8.16 -3.95
CA LEU A 97 3.60 -7.35 -4.55
C LEU A 97 3.22 -6.90 -5.97
N LYS A 98 2.51 -7.74 -6.71
CA LYS A 98 2.14 -7.35 -8.07
C LYS A 98 1.12 -6.19 -8.05
N ALA A 99 0.19 -6.23 -7.10
CA ALA A 99 -0.82 -5.19 -6.97
C ALA A 99 -0.18 -3.88 -6.53
N GLN A 100 0.85 -3.98 -5.69
CA GLN A 100 1.58 -2.81 -5.20
C GLN A 100 2.27 -2.11 -6.37
N ALA A 101 2.74 -2.90 -7.33
CA ALA A 101 3.44 -2.33 -8.48
C ALA A 101 2.44 -1.68 -9.44
N GLN A 102 1.29 -2.32 -9.62
CA GLN A 102 0.27 -1.82 -10.54
C GLN A 102 -0.42 -0.56 -10.01
N ILE A 103 -0.72 -0.55 -8.72
CA ILE A 103 -1.37 0.59 -8.09
C ILE A 103 -0.49 1.84 -8.21
N SER A 104 0.83 1.67 -8.19
CA SER A 104 1.71 2.82 -8.26
C SER A 104 1.86 3.31 -9.69
N GLU A 105 1.29 2.57 -10.62
CA GLU A 105 1.34 2.93 -12.03
C GLU A 105 -0.10 3.31 -12.42
N TRP A 106 -0.94 3.48 -11.40
CA TRP A 106 -2.36 3.82 -11.55
C TRP A 106 -3.04 2.95 -12.60
N LYS A 107 -2.90 1.63 -12.47
CA LYS A 107 -3.52 0.68 -13.39
C LYS A 107 -4.74 0.08 -12.69
N PHE A 108 -5.90 0.67 -12.94
CA PHE A 108 -7.13 0.25 -12.30
C PHE A 108 -7.53 -1.23 -12.40
N LEU A 109 -7.91 -1.68 -13.58
CA LEU A 109 -8.34 -3.05 -13.80
C LEU A 109 -7.31 -4.13 -13.42
N PRO A 110 -6.05 -3.94 -13.81
CA PRO A 110 -5.01 -4.93 -13.48
C PRO A 110 -4.85 -5.09 -11.97
N SER A 111 -4.74 -3.96 -11.27
CA SER A 111 -4.60 -4.02 -9.81
C SER A 111 -5.88 -4.56 -9.19
N LEU A 112 -7.04 -4.14 -9.68
CA LEU A 112 -8.28 -4.67 -9.12
C LEU A 112 -8.21 -6.20 -9.11
N VAL A 113 -7.93 -6.81 -10.26
CA VAL A 113 -7.84 -8.26 -10.42
C VAL A 113 -6.80 -8.96 -9.52
N THR A 114 -5.59 -8.42 -9.44
CA THR A 114 -4.56 -9.04 -8.60
C THR A 114 -4.90 -8.86 -7.11
N LEU A 115 -5.45 -7.72 -6.76
CA LEU A 115 -5.81 -7.47 -5.37
C LEU A 115 -6.85 -8.49 -4.92
N HIS A 116 -7.87 -8.69 -5.76
CA HIS A 116 -8.92 -9.65 -5.48
C HIS A 116 -8.34 -11.06 -5.20
N ASN A 117 -7.33 -11.46 -5.96
CA ASN A 117 -6.71 -12.77 -5.77
C ASN A 117 -6.20 -12.92 -4.35
N ALA A 118 -5.31 -12.01 -3.96
CA ALA A 118 -4.73 -12.03 -2.64
C ALA A 118 -5.84 -12.03 -1.60
N HIS A 119 -6.72 -11.03 -1.71
CA HIS A 119 -7.83 -10.91 -0.79
C HIS A 119 -8.57 -12.23 -0.68
N THR A 120 -9.10 -12.70 -1.81
CA THR A 120 -9.85 -13.94 -1.88
C THR A 120 -9.11 -15.14 -1.35
N LYS A 121 -7.85 -15.31 -1.75
CA LYS A 121 -7.07 -16.43 -1.24
C LYS A 121 -6.88 -16.30 0.27
N LEU A 122 -6.71 -15.06 0.73
CA LEU A 122 -6.53 -14.79 2.15
C LEU A 122 -7.78 -15.04 2.98
N GLN A 123 -8.93 -14.57 2.49
CA GLN A 123 -10.18 -14.76 3.21
C GLN A 123 -10.40 -16.26 3.37
N SER A 124 -10.28 -16.97 2.26
CA SER A 124 -10.46 -18.41 2.24
C SER A 124 -9.60 -19.07 3.30
N TRP A 125 -8.37 -18.59 3.45
CA TRP A 125 -7.48 -19.15 4.45
C TRP A 125 -7.95 -18.75 5.85
N GLY A 126 -8.17 -17.45 6.04
CA GLY A 126 -8.60 -16.95 7.33
C GLY A 126 -9.82 -17.68 7.85
N GLN A 127 -10.64 -18.17 6.92
CA GLN A 127 -11.84 -18.89 7.29
C GLN A 127 -11.44 -20.30 7.72
N THR A 128 -10.85 -21.06 6.80
CA THR A 128 -10.40 -22.42 7.05
C THR A 128 -9.48 -22.50 8.27
N PHE A 129 -8.96 -21.37 8.72
CA PHE A 129 -8.09 -21.38 9.88
C PHE A 129 -8.86 -21.30 11.19
N GLU A 130 -9.79 -20.35 11.28
CA GLU A 130 -10.61 -20.15 12.46
C GLU A 130 -11.52 -21.35 12.75
N LYS A 131 -11.82 -22.13 11.73
CA LYS A 131 -12.69 -23.30 11.88
C LYS A 131 -11.91 -24.48 12.47
N GLN A 132 -10.63 -24.26 12.74
CA GLN A 132 -9.77 -25.29 13.30
C GLN A 132 -9.19 -24.78 14.62
N ARG A 133 -9.43 -23.50 14.90
CA ARG A 133 -8.97 -22.86 16.12
C ARG A 133 -10.03 -21.89 16.64
N PRO A 150 -2.70 -16.44 15.05
CA PRO A 150 -2.03 -16.62 13.74
C PRO A 150 -0.62 -16.05 13.81
N PRO A 151 0.29 -16.61 13.01
CA PRO A 151 1.70 -16.19 12.97
C PRO A 151 1.88 -14.79 12.40
N HIS A 152 2.75 -14.02 13.05
CA HIS A 152 3.06 -12.65 12.65
C HIS A 152 3.15 -12.51 11.12
N LEU A 153 3.88 -13.41 10.47
CA LEU A 153 4.03 -13.34 9.02
C LEU A 153 2.67 -13.33 8.32
N PHE A 154 1.75 -14.18 8.74
CA PHE A 154 0.44 -14.21 8.10
C PHE A 154 -0.36 -12.96 8.47
N LEU A 155 -0.08 -12.42 9.66
CA LEU A 155 -0.75 -11.22 10.12
C LEU A 155 -0.27 -10.06 9.28
N TRP A 156 1.01 -10.10 8.92
CA TRP A 156 1.60 -9.05 8.13
C TRP A 156 1.01 -9.12 6.73
N LEU A 157 0.86 -10.31 6.19
CA LEU A 157 0.31 -10.45 4.84
C LEU A 157 -1.06 -9.79 4.87
N MSE A 158 -1.83 -10.10 5.90
CA MSE A 158 -3.16 -9.52 6.06
C MSE A 158 -3.07 -8.01 6.15
O MSE A 158 -3.83 -7.29 5.51
CB MSE A 158 -3.82 -10.09 7.31
CG MSE A 158 -4.52 -11.42 7.08
SE MSE A 158 -5.14 -12.24 8.70
CE MSE A 158 -4.12 -13.88 8.62
N LYS A 159 -2.11 -7.54 6.94
CA LYS A 159 -1.91 -6.11 7.11
C LYS A 159 -1.51 -5.44 5.80
N LEU A 160 -0.66 -6.10 5.01
CA LEU A 160 -0.24 -5.53 3.75
C LEU A 160 -1.43 -5.49 2.79
N LYS A 161 -2.29 -6.50 2.89
CA LYS A 161 -3.44 -6.55 2.02
C LYS A 161 -4.39 -5.39 2.26
N THR A 162 -4.75 -5.16 3.53
CA THR A 162 -5.68 -4.06 3.83
C THR A 162 -5.05 -2.70 3.52
N MSE A 163 -3.75 -2.57 3.74
CA MSE A 163 -3.12 -1.29 3.40
C MSE A 163 -3.29 -1.07 1.89
O MSE A 163 -3.66 0.02 1.47
CB MSE A 163 -1.62 -1.30 3.78
CG MSE A 163 -0.88 0.02 3.46
SE MSE A 163 -0.38 0.25 1.57
CE MSE A 163 1.33 1.06 1.81
N LEU A 164 -3.04 -2.09 1.09
CA LEU A 164 -3.16 -1.96 -0.37
C LEU A 164 -4.58 -1.80 -0.88
N LEU A 165 -5.54 -2.43 -0.20
CA LEU A 165 -6.93 -2.34 -0.60
C LEU A 165 -7.44 -0.94 -0.29
N ALA A 166 -6.97 -0.36 0.81
CA ALA A 166 -7.38 0.97 1.17
C ALA A 166 -6.75 1.99 0.22
N LYS A 167 -5.54 1.70 -0.25
CA LYS A 167 -4.86 2.60 -1.19
C LYS A 167 -5.62 2.51 -2.52
N PHE A 168 -5.95 1.28 -2.90
CA PHE A 168 -6.71 1.02 -4.12
C PHE A 168 -7.99 1.85 -4.08
N SER A 169 -8.81 1.61 -3.08
CA SER A 169 -10.07 2.32 -2.93
C SER A 169 -9.90 3.82 -3.04
N PHE A 170 -8.78 4.33 -2.53
CA PHE A 170 -8.54 5.77 -2.61
C PHE A 170 -8.04 6.20 -3.98
N TYR A 171 -6.97 5.57 -4.47
CA TYR A 171 -6.42 5.94 -5.78
C TYR A 171 -7.40 5.81 -6.96
N PHE A 172 -8.38 4.91 -6.86
CA PHE A 172 -9.33 4.73 -7.95
C PHE A 172 -10.78 5.08 -7.57
N HIS A 173 -10.96 5.80 -6.46
CA HIS A 173 -12.29 6.19 -6.01
C HIS A 173 -13.26 6.62 -7.10
N GLU A 174 -12.81 7.48 -8.01
CA GLU A 174 -13.69 7.97 -9.06
C GLU A 174 -14.24 6.84 -9.96
N ALA A 175 -13.36 5.99 -10.46
CA ALA A 175 -13.79 4.87 -11.31
C ALA A 175 -14.67 3.92 -10.51
N LEU A 176 -14.22 3.57 -9.32
CA LEU A 176 -14.98 2.65 -8.49
C LEU A 176 -16.39 3.19 -8.29
N SER A 177 -16.52 4.49 -8.07
CA SER A 177 -17.83 5.10 -7.84
C SER A 177 -18.66 5.25 -9.11
N ARG A 178 -18.01 5.53 -10.23
CA ARG A 178 -18.72 5.70 -11.49
C ARG A 178 -19.13 4.35 -12.08
N GLN A 179 -18.42 3.30 -11.70
CA GLN A 179 -18.70 1.97 -12.22
C GLN A 179 -19.33 1.00 -11.24
N THR A 180 -19.91 1.50 -10.17
CA THR A 180 -20.55 0.61 -9.20
C THR A 180 -21.85 1.12 -8.64
N THR A 181 -22.38 0.37 -7.70
CA THR A 181 -23.63 0.67 -7.04
C THR A 181 -23.35 1.10 -5.61
N ALA A 182 -24.08 2.12 -5.14
CA ALA A 182 -23.90 2.61 -3.78
C ALA A 182 -23.70 1.42 -2.85
N SER A 183 -24.53 0.40 -3.03
CA SER A 183 -24.44 -0.82 -2.24
C SER A 183 -23.06 -1.44 -2.35
N GLU A 184 -22.65 -1.73 -3.58
CA GLU A 184 -21.34 -2.34 -3.86
C GLU A 184 -20.18 -1.46 -3.40
N MSE A 185 -20.32 -0.15 -3.55
CA MSE A 185 -19.29 0.81 -3.15
C MSE A 185 -19.15 0.81 -1.63
O MSE A 185 -18.04 0.70 -1.09
CB MSE A 185 -19.65 2.21 -3.67
CG MSE A 185 -18.58 3.27 -3.45
SE MSE A 185 -16.90 2.87 -4.33
CE MSE A 185 -15.76 2.86 -2.77
N LYS A 186 -20.27 0.94 -0.92
CA LYS A 186 -20.27 0.94 0.53
C LYS A 186 -19.79 -0.41 1.05
N ALA A 187 -19.87 -1.43 0.21
CA ALA A 187 -19.42 -2.76 0.60
C ALA A 187 -17.91 -2.71 0.59
N LEU A 188 -17.36 -2.13 -0.49
CA LEU A 188 -15.92 -2.00 -0.65
C LEU A 188 -15.40 -1.03 0.40
N THR A 189 -16.04 0.13 0.49
CA THR A 189 -15.64 1.13 1.47
C THR A 189 -15.54 0.46 2.83
N ALA A 190 -16.54 -0.37 3.12
CA ALA A 190 -16.62 -1.11 4.38
C ALA A 190 -15.30 -1.78 4.72
N LYS A 191 -14.71 -2.46 3.74
CA LYS A 191 -13.44 -3.16 3.93
C LYS A 191 -12.23 -2.22 3.90
N ALA A 192 -12.44 -0.99 3.44
CA ALA A 192 -11.37 0.00 3.36
C ALA A 192 -11.00 0.58 4.71
N ASN A 193 -9.82 0.21 5.21
CA ASN A 193 -9.33 0.73 6.48
C ASN A 193 -7.86 1.13 6.39
N PRO A 194 -7.59 2.43 6.46
CA PRO A 194 -8.54 3.53 6.63
C PRO A 194 -9.30 3.97 5.37
N ASP A 195 -10.48 4.52 5.59
CA ASP A 195 -11.33 5.05 4.54
C ASP A 195 -10.76 6.44 4.25
N LEU A 196 -9.75 6.51 3.40
CA LEU A 196 -9.10 7.76 3.05
C LEU A 196 -10.00 8.78 2.37
N PHE A 197 -10.91 8.33 1.51
CA PHE A 197 -11.81 9.26 0.85
C PHE A 197 -12.67 9.96 1.91
N GLY A 198 -13.20 9.18 2.85
CA GLY A 198 -14.03 9.73 3.90
C GLY A 198 -13.29 10.75 4.75
N LYS A 199 -12.05 10.44 5.14
CA LYS A 199 -11.27 11.37 5.95
C LYS A 199 -11.18 12.74 5.28
N ILE A 200 -10.78 12.73 4.01
CA ILE A 200 -10.62 13.94 3.22
C ILE A 200 -11.93 14.72 3.19
N SER A 201 -13.02 13.95 3.14
CA SER A 201 -14.37 14.48 3.09
C SER A 201 -14.70 15.22 4.40
N SER A 202 -14.36 14.61 5.52
CA SER A 202 -14.61 15.24 6.82
C SER A 202 -13.74 16.47 6.94
N PHE A 203 -12.50 16.36 6.50
CA PHE A 203 -11.55 17.45 6.56
C PHE A 203 -12.08 18.68 5.80
N ILE A 204 -12.57 18.48 4.59
CA ILE A 204 -13.07 19.58 3.77
C ILE A 204 -14.24 20.29 4.43
N ARG A 205 -15.12 19.51 5.06
CA ARG A 205 -16.30 20.03 5.74
C ARG A 205 -15.83 20.78 7.00
N LYS A 206 -14.94 20.13 7.75
CA LYS A 206 -14.37 20.68 8.97
C LYS A 206 -13.74 22.05 8.85
N TYR A 207 -12.87 22.21 7.85
CA TYR A 207 -12.14 23.46 7.66
C TYR A 207 -12.50 24.27 6.43
N ASP A 208 -13.51 23.83 5.69
CA ASP A 208 -13.94 24.54 4.47
C ASP A 208 -12.84 24.81 3.45
N ALA A 209 -12.07 23.77 3.10
CA ALA A 209 -11.04 23.94 2.08
C ALA A 209 -11.76 24.05 0.71
N ALA A 210 -11.14 24.72 -0.24
CA ALA A 210 -11.75 24.88 -1.54
C ALA A 210 -11.64 23.59 -2.34
N ASN A 211 -10.59 22.82 -2.08
CA ASN A 211 -10.37 21.59 -2.81
C ASN A 211 -9.23 20.74 -2.27
N VAL A 212 -9.31 19.43 -2.51
CA VAL A 212 -8.27 18.49 -2.12
C VAL A 212 -8.18 17.52 -3.29
N SER A 213 -7.01 17.44 -3.89
CA SER A 213 -6.87 16.55 -5.04
C SER A 213 -5.71 15.60 -4.95
N LEU A 214 -5.84 14.52 -5.70
CA LEU A 214 -4.78 13.53 -5.80
C LEU A 214 -4.30 13.67 -7.24
N ILE A 215 -3.04 14.03 -7.41
CA ILE A 215 -2.45 14.23 -8.72
C ILE A 215 -1.48 13.11 -9.10
N PHE A 216 -1.66 12.57 -10.32
CA PHE A 216 -0.81 11.49 -10.82
C PHE A 216 0.12 12.04 -11.90
N ASP A 217 1.41 11.78 -11.75
CA ASP A 217 2.40 12.23 -12.70
C ASP A 217 2.70 11.11 -13.69
N GLN A 244 0.03 15.92 -18.59
CA GLN A 244 0.54 15.31 -17.33
C GLN A 244 0.06 16.12 -16.15
N TYR A 245 0.03 15.48 -14.99
CA TYR A 245 -0.41 16.14 -13.76
C TYR A 245 -1.92 16.31 -13.65
N PRO A 246 -2.71 15.35 -14.17
CA PRO A 246 -4.16 15.47 -14.07
C PRO A 246 -4.61 15.14 -12.66
N ALA A 247 -5.90 15.34 -12.38
CA ALA A 247 -6.43 15.01 -11.06
C ALA A 247 -7.29 13.77 -11.15
N VAL A 248 -6.82 12.67 -10.57
CA VAL A 248 -7.53 11.40 -10.58
C VAL A 248 -8.60 11.33 -9.48
N VAL A 249 -8.47 12.20 -8.47
CA VAL A 249 -9.44 12.30 -7.38
C VAL A 249 -9.56 13.79 -7.09
N SER A 250 -10.78 14.25 -6.84
CA SER A 250 -11.02 15.66 -6.60
C SER A 250 -12.24 15.87 -5.73
N LEU A 251 -12.07 16.66 -4.68
CA LEU A 251 -13.17 16.95 -3.75
C LEU A 251 -13.23 18.44 -3.42
N PRO A 252 -14.44 18.99 -3.25
CA PRO A 252 -15.72 18.27 -3.37
C PRO A 252 -16.10 18.15 -4.84
N SER A 253 -16.04 19.27 -5.55
CA SER A 253 -16.38 19.29 -6.96
C SER A 253 -15.22 18.77 -7.82
N ASP A 254 -15.27 19.08 -9.11
CA ASP A 254 -14.23 18.65 -10.05
C ASP A 254 -13.01 19.55 -9.99
N ARG A 255 -11.92 19.05 -10.58
CA ARG A 255 -10.66 19.76 -10.63
C ARG A 255 -10.80 21.27 -10.71
N PRO A 256 -10.24 22.01 -9.74
CA PRO A 256 -10.32 23.48 -9.73
C PRO A 256 -9.46 24.13 -10.83
N VAL A 257 -10.06 24.33 -12.00
CA VAL A 257 -9.37 24.92 -13.16
C VAL A 257 -8.50 26.15 -12.93
N MSE A 258 -9.06 27.19 -12.31
CA MSE A 258 -8.34 28.44 -12.06
C MSE A 258 -7.14 28.28 -11.15
O MSE A 258 -6.17 29.07 -11.23
CB MSE A 258 -9.29 29.50 -11.48
CG MSE A 258 -10.54 29.81 -12.34
SE MSE A 258 -10.10 30.22 -14.17
CE MSE A 258 -11.42 29.10 -15.01
N HIS A 259 -7.18 27.27 -10.28
CA HIS A 259 -6.08 27.00 -9.35
C HIS A 259 -4.95 26.12 -9.89
N TRP A 260 -5.16 25.38 -10.98
CA TRP A 260 -4.09 24.49 -11.46
C TRP A 260 -2.77 25.18 -11.80
N PRO A 261 -2.82 26.34 -12.45
CA PRO A 261 -1.55 27.00 -12.77
C PRO A 261 -0.68 27.15 -11.51
N ASN A 262 -1.28 27.59 -10.41
CA ASN A 262 -0.53 27.73 -9.15
C ASN A 262 -0.03 26.37 -8.68
N VAL A 263 -0.91 25.38 -8.70
CA VAL A 263 -0.54 24.04 -8.27
C VAL A 263 0.62 23.48 -9.08
N ILE A 264 0.55 23.60 -10.41
CA ILE A 264 1.62 23.08 -11.26
C ILE A 264 2.92 23.82 -11.00
N MSE A 265 2.86 25.15 -10.96
CA MSE A 265 4.04 25.97 -10.72
C MSE A 265 4.71 25.53 -9.42
O MSE A 265 5.93 25.35 -9.38
CB MSE A 265 3.65 27.45 -10.60
CG MSE A 265 4.72 28.35 -9.99
SE MSE A 265 4.10 30.14 -9.60
CE MSE A 265 3.01 29.74 -8.05
N ILE A 266 3.92 25.35 -8.37
CA ILE A 266 4.46 24.93 -7.08
C ILE A 266 5.16 23.56 -7.15
N MSE A 267 4.54 22.59 -7.81
CA MSE A 267 5.16 21.27 -7.91
C MSE A 267 6.48 21.32 -8.69
O MSE A 267 7.39 20.54 -8.42
CB MSE A 267 4.22 20.27 -8.56
CG MSE A 267 2.94 20.02 -7.78
SE MSE A 267 1.94 18.56 -8.54
CE MSE A 267 1.66 19.30 -10.30
N THR A 268 6.57 22.24 -9.64
CA THR A 268 7.79 22.37 -10.44
C THR A 268 8.90 22.98 -9.59
N ASP A 269 8.58 24.06 -8.88
CA ASP A 269 9.57 24.73 -8.04
C ASP A 269 9.99 23.96 -6.79
N ARG A 270 9.06 23.23 -6.17
CA ARG A 270 9.41 22.48 -4.96
C ARG A 270 9.60 21.01 -5.24
N ALA A 271 9.79 20.65 -6.51
CA ALA A 271 9.99 19.25 -6.89
C ALA A 271 10.91 18.53 -5.91
N SER A 272 12.03 19.18 -5.59
CA SER A 272 13.02 18.62 -4.69
C SER A 272 12.46 18.28 -3.31
N ASP A 273 11.80 19.25 -2.68
CA ASP A 273 11.22 19.03 -1.37
C ASP A 273 10.14 17.96 -1.45
N LEU A 274 9.39 17.98 -2.54
CA LEU A 274 8.33 17.01 -2.75
C LEU A 274 8.89 15.62 -3.00
N ASN A 275 9.89 15.53 -3.88
CA ASN A 275 10.47 14.24 -4.21
C ASN A 275 11.19 13.56 -3.05
N SER A 276 11.33 14.29 -1.95
CA SER A 276 11.95 13.74 -0.75
C SER A 276 10.93 12.76 -0.17
N LEU A 277 9.67 12.96 -0.57
CA LEU A 277 8.53 12.14 -0.15
C LEU A 277 8.22 12.22 1.34
N GLU A 278 8.80 13.18 2.03
CA GLU A 278 8.58 13.31 3.47
C GLU A 278 8.29 14.72 3.94
N LYS A 279 8.14 15.65 3.01
CA LYS A 279 7.88 17.04 3.40
C LYS A 279 6.52 17.54 2.92
N VAL A 280 6.00 18.53 3.64
CA VAL A 280 4.74 19.15 3.30
C VAL A 280 5.03 20.59 2.90
N VAL A 281 4.95 20.88 1.60
CA VAL A 281 5.19 22.22 1.07
C VAL A 281 3.99 23.14 1.27
N HIS A 282 4.26 24.41 1.58
CA HIS A 282 3.21 25.41 1.79
C HIS A 282 3.49 26.60 0.89
N PHE A 283 2.43 27.21 0.36
CA PHE A 283 2.59 28.36 -0.51
C PHE A 283 1.36 29.27 -0.53
N TYR A 284 1.56 30.54 -0.20
CA TYR A 284 0.47 31.49 -0.19
C TYR A 284 0.58 32.37 -1.43
N ASP A 285 -0.54 32.59 -2.09
CA ASP A 285 -0.60 33.41 -3.30
C ASP A 285 -1.44 34.63 -2.98
N ASP A 286 -0.76 35.71 -2.59
CA ASP A 286 -1.41 36.96 -2.23
C ASP A 286 -2.27 37.48 -3.37
N LYS A 287 -1.70 37.48 -4.57
CA LYS A 287 -2.40 37.94 -5.77
C LYS A 287 -3.82 37.37 -5.85
N VAL A 288 -3.99 36.13 -5.42
CA VAL A 288 -5.30 35.48 -5.46
C VAL A 288 -5.83 35.07 -4.08
N GLN A 289 -5.05 35.40 -3.05
CA GLN A 289 -5.40 35.11 -1.67
C GLN A 289 -5.76 33.66 -1.43
N SER A 290 -4.91 32.77 -1.94
CA SER A 290 -5.14 31.34 -1.77
C SER A 290 -3.90 30.65 -1.21
N THR A 291 -4.14 29.64 -0.37
CA THR A 291 -3.06 28.89 0.27
C THR A 291 -3.05 27.46 -0.25
N TYR A 292 -1.86 26.93 -0.46
CA TYR A 292 -1.70 25.59 -0.97
C TYR A 292 -0.81 24.74 -0.09
N PHE A 293 -1.21 23.50 0.11
CA PHE A 293 -0.42 22.55 0.88
C PHE A 293 -0.27 21.30 0.00
N LEU A 294 0.97 20.87 -0.20
CA LEU A 294 1.23 19.69 -1.01
C LEU A 294 2.25 18.79 -0.36
N THR A 295 2.06 17.49 -0.55
CA THR A 295 3.00 16.51 -0.05
C THR A 295 2.91 15.43 -1.11
N ARG A 296 3.99 14.66 -1.26
CA ARG A 296 4.07 13.59 -2.24
C ARG A 296 4.35 12.29 -1.52
N PRO A 297 3.31 11.52 -1.23
CA PRO A 297 3.49 10.24 -0.52
C PRO A 297 4.38 9.24 -1.27
N GLU A 298 4.24 9.20 -2.59
CA GLU A 298 5.00 8.28 -3.43
C GLU A 298 5.50 9.04 -4.64
N PRO A 299 6.41 8.43 -5.42
CA PRO A 299 6.98 9.07 -6.62
C PRO A 299 5.97 9.67 -7.61
N HIS A 300 4.97 8.90 -7.99
CA HIS A 300 3.99 9.40 -8.96
C HIS A 300 2.75 10.11 -8.41
N PHE A 301 2.61 10.19 -7.10
CA PHE A 301 1.44 10.82 -6.55
C PHE A 301 1.68 12.04 -5.68
N THR A 302 0.86 13.06 -5.88
CA THR A 302 0.93 14.30 -5.11
C THR A 302 -0.47 14.67 -4.62
N ILE A 303 -0.57 15.05 -3.36
CA ILE A 303 -1.84 15.47 -2.76
C ILE A 303 -1.79 16.98 -2.50
N VAL A 304 -2.84 17.68 -2.91
CA VAL A 304 -2.85 19.12 -2.70
C VAL A 304 -4.12 19.57 -1.98
N VAL A 305 -3.93 20.51 -1.06
CA VAL A 305 -5.04 21.06 -0.30
C VAL A 305 -5.03 22.54 -0.65
N ILE A 306 -6.17 23.04 -1.09
CA ILE A 306 -6.30 24.42 -1.50
C ILE A 306 -7.30 25.19 -0.66
N PHE A 307 -6.87 26.33 -0.14
CA PHE A 307 -7.76 27.18 0.64
C PHE A 307 -7.84 28.51 -0.09
N GLU A 308 -9.05 29.01 -0.29
CA GLU A 308 -9.20 30.30 -0.93
C GLU A 308 -9.25 31.33 0.20
N SER A 309 -8.13 31.45 0.89
CA SER A 309 -7.95 32.38 2.00
C SER A 309 -6.56 32.12 2.54
N LYS A 310 -5.99 33.13 3.18
CA LYS A 310 -4.66 33.01 3.76
C LYS A 310 -4.62 32.00 4.90
N LYS A 311 -3.69 31.04 4.78
CA LYS A 311 -3.51 30.03 5.81
C LYS A 311 -2.03 30.03 6.16
N SER A 312 -1.74 29.95 7.45
CA SER A 312 -0.37 29.98 7.92
C SER A 312 0.39 28.67 7.77
N GLU A 313 1.66 28.80 7.38
CA GLU A 313 2.55 27.66 7.21
C GLU A 313 2.84 27.09 8.59
N ARG A 314 2.06 27.53 9.57
CA ARG A 314 2.22 27.07 10.94
C ARG A 314 0.97 26.39 11.46
N ASP A 315 -0.11 26.39 10.67
CA ASP A 315 -1.35 25.73 11.09
C ASP A 315 -1.06 24.24 11.13
N SER A 316 -0.44 23.81 12.23
CA SER A 316 -0.05 22.43 12.42
C SER A 316 -1.06 21.38 11.96
N HIS A 317 -2.31 21.49 12.39
CA HIS A 317 -3.32 20.51 12.01
C HIS A 317 -3.46 20.22 10.51
N PHE A 318 -3.12 21.19 9.65
CA PHE A 318 -3.20 20.99 8.21
C PHE A 318 -1.96 20.19 7.76
N ILE A 319 -0.82 20.46 8.39
CA ILE A 319 0.41 19.73 8.10
C ILE A 319 0.21 18.27 8.56
N SER A 320 -0.21 18.12 9.81
CA SER A 320 -0.40 16.78 10.35
C SER A 320 -1.44 15.99 9.59
N PHE A 321 -2.51 16.63 9.16
CA PHE A 321 -3.56 15.95 8.39
C PHE A 321 -2.87 15.35 7.15
N LEU A 322 -2.10 16.17 6.45
CA LEU A 322 -1.40 15.71 5.28
C LEU A 322 -0.37 14.63 5.57
N ASN A 323 0.18 14.66 6.78
CA ASN A 323 1.17 13.66 7.17
C ASN A 323 0.45 12.34 7.45
N GLU A 324 -0.78 12.42 7.96
CA GLU A 324 -1.52 11.18 8.23
C GLU A 324 -1.81 10.46 6.89
N LEU A 325 -2.37 11.19 5.92
CA LEU A 325 -2.70 10.63 4.61
C LEU A 325 -1.51 10.02 3.89
N SER A 326 -0.38 10.72 3.95
CA SER A 326 0.82 10.25 3.28
C SER A 326 1.32 8.97 3.93
N LEU A 327 1.33 8.94 5.25
CA LEU A 327 1.81 7.78 5.97
C LEU A 327 0.99 6.54 5.64
N ALA A 328 -0.30 6.69 5.46
CA ALA A 328 -1.15 5.56 5.17
C ALA A 328 -0.95 5.01 3.75
N LEU A 329 -0.25 5.75 2.89
CA LEU A 329 -0.03 5.31 1.52
C LEU A 329 1.41 4.87 1.21
N LYS A 330 2.28 4.85 2.21
CA LYS A 330 3.67 4.47 2.00
C LYS A 330 3.92 2.98 2.15
N ASN A 331 4.39 2.36 1.07
CA ASN A 331 4.68 0.94 1.04
C ASN A 331 5.83 0.57 1.99
N PRO A 332 6.91 1.36 2.02
CA PRO A 332 8.04 1.04 2.90
C PRO A 332 7.63 0.85 4.36
N LYS A 333 6.79 1.75 4.85
CA LYS A 333 6.36 1.69 6.25
C LYS A 333 5.76 0.35 6.62
N VAL A 334 5.10 -0.30 5.67
CA VAL A 334 4.49 -1.59 5.97
C VAL A 334 5.53 -2.70 5.94
N PHE A 335 6.54 -2.55 5.09
CA PHE A 335 7.61 -3.52 5.02
C PHE A 335 8.36 -3.48 6.35
N ALA A 336 8.41 -2.29 6.96
CA ALA A 336 9.08 -2.07 8.24
C ALA A 336 8.48 -2.81 9.41
N SER A 337 7.16 -2.96 9.42
CA SER A 337 6.51 -3.64 10.53
C SER A 337 6.67 -5.14 10.35
N LEU A 338 7.41 -5.52 9.30
CA LEU A 338 7.67 -6.91 8.99
C LEU A 338 8.32 -7.61 10.17
N LYS A 339 9.18 -6.90 10.89
CA LYS A 339 9.89 -7.45 12.05
C LYS A 339 9.14 -7.22 13.35
#